data_4CP3
#
_entry.id   4CP3
#
_cell.length_a   35.172
_cell.length_b   54.828
_cell.length_c   58.159
_cell.angle_alpha   90.00
_cell.angle_beta   95.21
_cell.angle_gamma   90.00
#
_symmetry.space_group_name_H-M   'P 1 21 1'
#
loop_
_entity.id
_entity.type
_entity.pdbx_description
1 polymer 'B-CELL LYMPHOMA 6 PROTEIN'
2 non-polymer RIFABUTIN
3 water water
#
_entity_poly.entity_id   1
_entity_poly.type   'polypeptide(L)'
_entity_poly.pdbx_seq_one_letter_code
;GASQIQFTRHASDVLLNLNRLRSRDILTDVVIVVSREQFRAHKTVLMACSGLFYSIFTDQLKRNLSVINLDPEINPEGFN
ILLDFMYTSRLNLREGNIMAVMATAMYLQMEHVVDTCRKFIKAS
;
_entity_poly.pdbx_strand_id   A,B
#
loop_
_chem_comp.id
_chem_comp.type
_chem_comp.name
_chem_comp.formula
RBT non-polymer RIFABUTIN 'C46 H62 N4 O11'
#
# COMPACT_ATOMS: atom_id res chain seq x y z
N ALA A 2 3.16 10.47 27.01
CA ALA A 2 3.00 9.49 25.88
C ALA A 2 2.01 10.02 24.85
N SER A 3 2.48 10.09 23.60
CA SER A 3 1.71 10.65 22.50
C SER A 3 1.49 9.58 21.42
N GLN A 4 0.27 9.52 20.90
CA GLN A 4 -0.02 8.81 19.67
C GLN A 4 -0.29 9.87 18.62
N ILE A 5 0.71 10.15 17.79
CA ILE A 5 0.61 11.16 16.75
C ILE A 5 0.10 10.54 15.46
N GLN A 6 -1.00 11.07 14.94
CA GLN A 6 -1.48 10.66 13.61
C GLN A 6 -0.97 11.61 12.54
N PHE A 7 -0.36 11.06 11.49
CA PHE A 7 0.06 11.82 10.32
C PHE A 7 -1.01 11.73 9.24
N THR A 8 -1.81 12.78 9.08
CA THR A 8 -3.08 12.72 8.32
C THR A 8 -2.98 12.61 6.79
N ARG A 9 -1.86 12.99 6.21
CA ARG A 9 -1.61 12.75 4.79
C ARG A 9 -0.68 11.56 4.53
N HIS A 10 -0.30 10.80 5.57
CA HIS A 10 0.58 9.65 5.36
C HIS A 10 -0.03 8.63 4.40
N ALA A 11 -1.30 8.31 4.62
CA ALA A 11 -1.97 7.27 3.83
C ALA A 11 -1.99 7.71 2.37
N SER A 12 -2.24 8.99 2.16
CA SER A 12 -2.18 9.63 0.83
C SER A 12 -0.78 9.56 0.25
N ASP A 13 0.24 9.75 1.09
CA ASP A 13 1.65 9.70 0.63
C ASP A 13 2.06 8.30 0.21
N VAL A 14 1.62 7.30 0.96
CA VAL A 14 1.91 5.93 0.63
C VAL A 14 1.28 5.53 -0.69
N LEU A 15 -0.04 5.68 -0.80
CA LEU A 15 -0.74 5.38 -2.06
C LEU A 15 -0.12 6.08 -3.30
N LEU A 16 0.30 7.32 -3.15
CA LEU A 16 1.01 8.05 -4.17
C LEU A 16 2.33 7.35 -4.53
N ASN A 17 3.06 6.95 -3.51
CA ASN A 17 4.29 6.23 -3.77
C ASN A 17 4.02 4.89 -4.43
N LEU A 18 2.91 4.25 -4.07
CA LEU A 18 2.66 2.93 -4.63
C LEU A 18 2.44 3.08 -6.10
N ASN A 19 1.76 4.16 -6.47
CA ASN A 19 1.47 4.45 -7.85
C ASN A 19 2.76 4.72 -8.63
N ARG A 20 3.71 5.37 -7.98
CA ARG A 20 5.02 5.65 -8.58
C ARG A 20 5.82 4.37 -8.82
N LEU A 21 5.76 3.47 -7.86
CA LEU A 21 6.34 2.18 -8.08
C LEU A 21 5.65 1.50 -9.27
N ARG A 22 4.32 1.57 -9.35
CA ARG A 22 3.62 0.95 -10.48
C ARG A 22 4.01 1.52 -11.86
N SER A 23 4.19 2.82 -11.96
CA SER A 23 4.52 3.41 -13.24
C SER A 23 5.97 3.17 -13.66
N ARG A 24 6.81 2.77 -12.72
CA ARG A 24 8.16 2.32 -12.99
C ARG A 24 8.20 0.81 -13.05
N ASP A 25 7.05 0.18 -12.83
CA ASP A 25 6.92 -1.27 -12.83
C ASP A 25 7.81 -1.91 -11.78
N ILE A 26 7.87 -1.35 -10.58
CA ILE A 26 8.72 -1.92 -9.54
C ILE A 26 7.92 -2.78 -8.56
N LEU A 27 8.32 -4.05 -8.44
CA LEU A 27 7.69 -5.01 -7.53
C LEU A 27 6.25 -5.38 -7.92
N THR A 28 5.81 -4.98 -9.12
CA THR A 28 4.54 -5.45 -9.63
C THR A 28 4.70 -6.94 -9.85
N ASP A 29 3.79 -7.71 -9.29
CA ASP A 29 3.93 -9.16 -9.17
C ASP A 29 2.75 -9.87 -9.87
N VAL A 30 1.97 -9.11 -10.61
CA VAL A 30 0.88 -9.67 -11.33
C VAL A 30 0.52 -8.94 -12.62
N VAL A 31 0.12 -9.73 -13.59
CA VAL A 31 -0.49 -9.25 -14.82
C VAL A 31 -1.99 -9.66 -14.85
N ILE A 32 -2.85 -8.65 -14.86
CA ILE A 32 -4.29 -8.83 -15.08
C ILE A 32 -4.66 -8.80 -16.57
N VAL A 33 -5.24 -9.89 -17.09
CA VAL A 33 -5.61 -9.95 -18.49
C VAL A 33 -7.08 -9.70 -18.71
N VAL A 34 -7.38 -8.58 -19.37
CA VAL A 34 -8.73 -8.13 -19.66
C VAL A 34 -8.92 -8.14 -21.16
N SER A 35 -9.83 -8.99 -21.65
CA SER A 35 -9.84 -9.40 -23.06
C SER A 35 -8.44 -9.96 -23.37
N ARG A 36 -7.62 -9.20 -24.11
CA ARG A 36 -6.21 -9.58 -24.31
C ARG A 36 -5.17 -8.47 -24.05
N GLU A 37 -5.62 -7.32 -23.56
CA GLU A 37 -4.73 -6.25 -23.00
C GLU A 37 -4.22 -6.65 -21.58
N GLN A 38 -2.99 -6.27 -21.25
CA GLN A 38 -2.34 -6.64 -19.99
C GLN A 38 -2.06 -5.43 -19.12
N PHE A 39 -2.44 -5.53 -17.84
CA PHE A 39 -2.12 -4.51 -16.83
C PHE A 39 -1.32 -5.14 -15.70
N ARG A 40 -0.15 -4.55 -15.44
CA ARG A 40 0.69 -4.96 -14.35
C ARG A 40 0.25 -4.20 -13.10
N ALA A 41 0.32 -4.84 -11.95
CA ALA A 41 -0.18 -4.24 -10.72
C ALA A 41 0.50 -4.89 -9.54
N HIS A 42 0.29 -4.34 -8.35
CA HIS A 42 0.67 -5.04 -7.11
C HIS A 42 -0.56 -5.78 -6.61
N LYS A 43 -0.42 -7.06 -6.29
CA LYS A 43 -1.48 -7.90 -5.75
C LYS A 43 -2.10 -7.27 -4.51
N THR A 44 -1.23 -6.78 -3.64
CA THR A 44 -1.64 -6.16 -2.40
C THR A 44 -2.54 -4.95 -2.61
N VAL A 45 -2.26 -4.15 -3.63
CA VAL A 45 -3.11 -3.00 -3.85
C VAL A 45 -4.49 -3.46 -4.30
N LEU A 46 -4.50 -4.37 -5.28
CA LEU A 46 -5.74 -4.95 -5.80
C LEU A 46 -6.65 -5.49 -4.71
N MET A 47 -6.09 -6.32 -3.84
CA MET A 47 -6.84 -6.86 -2.69
C MET A 47 -7.38 -5.78 -1.74
N ALA A 48 -6.57 -4.75 -1.49
CA ALA A 48 -6.92 -3.66 -0.59
C ALA A 48 -8.07 -2.80 -1.13
N CYS A 49 -8.36 -2.91 -2.42
CA CYS A 49 -9.44 -2.14 -3.04
C CYS A 49 -10.65 -2.89 -3.59
N SER A 50 -10.56 -4.20 -3.78
CA SER A 50 -11.51 -4.93 -4.63
C SER A 50 -11.87 -6.22 -3.97
N GLY A 51 -13.16 -6.41 -3.73
CA GLY A 51 -13.65 -7.62 -3.11
C GLY A 51 -13.35 -8.84 -3.96
N LEU A 52 -13.24 -8.64 -5.29
CA LEU A 52 -12.95 -9.74 -6.19
C LEU A 52 -11.51 -10.23 -6.02
N PHE A 53 -10.58 -9.31 -6.15
CA PHE A 53 -9.18 -9.60 -5.98
C PHE A 53 -8.85 -10.05 -4.57
N TYR A 54 -9.51 -9.46 -3.58
CA TYR A 54 -9.43 -9.92 -2.20
C TYR A 54 -9.81 -11.39 -2.11
N SER A 55 -10.99 -11.73 -2.60
CA SER A 55 -11.42 -13.14 -2.62
C SER A 55 -10.38 -14.02 -3.30
N ILE A 56 -9.91 -13.60 -4.46
CA ILE A 56 -9.00 -14.43 -5.23
C ILE A 56 -7.69 -14.71 -4.48
N PHE A 57 -7.06 -13.67 -4.01
CA PHE A 57 -5.70 -13.80 -3.51
C PHE A 57 -5.64 -14.28 -2.08
N THR A 58 -6.77 -14.22 -1.35
CA THR A 58 -6.88 -14.91 -0.05
C THR A 58 -6.75 -16.41 -0.24
N ASP A 59 -7.24 -16.96 -1.34
CA ASP A 59 -6.99 -18.36 -1.63
C ASP A 59 -5.47 -18.60 -1.69
N GLN A 60 -4.91 -19.20 -0.64
CA GLN A 60 -3.48 -19.57 -0.58
C GLN A 60 -2.95 -20.34 -1.81
N LEU A 61 -3.84 -20.97 -2.59
CA LEU A 61 -3.48 -21.61 -3.86
C LEU A 61 -3.21 -20.58 -4.99
N LYS A 62 -4.18 -19.70 -5.22
CA LYS A 62 -4.10 -18.64 -6.24
C LYS A 62 -3.13 -17.51 -5.86
N ARG A 63 -2.58 -17.56 -4.65
CA ARG A 63 -1.93 -16.40 -4.08
C ARG A 63 -0.66 -16.03 -4.83
N ASN A 64 0.11 -17.05 -5.24
CA ASN A 64 1.33 -16.83 -6.02
C ASN A 64 1.10 -16.94 -7.51
N LEU A 65 -0.14 -16.72 -7.96
CA LEU A 65 -0.34 -16.64 -9.39
C LEU A 65 0.15 -15.30 -9.85
N SER A 66 0.89 -15.30 -10.94
CA SER A 66 1.44 -14.07 -11.50
C SER A 66 0.59 -13.56 -12.67
N VAL A 67 -0.44 -14.32 -13.06
CA VAL A 67 -1.37 -13.95 -14.14
C VAL A 67 -2.81 -14.19 -13.72
N ILE A 68 -3.71 -13.27 -14.07
CA ILE A 68 -5.12 -13.42 -13.77
C ILE A 68 -5.96 -12.99 -14.98
N ASN A 69 -6.82 -13.88 -15.44
CA ASN A 69 -7.63 -13.64 -16.59
C ASN A 69 -9.01 -13.21 -16.15
N LEU A 70 -9.33 -11.94 -16.29
CA LEU A 70 -10.64 -11.48 -15.90
C LEU A 70 -11.66 -11.97 -16.89
N ASP A 71 -12.90 -12.07 -16.42
CA ASP A 71 -14.00 -12.50 -17.25
C ASP A 71 -14.09 -11.66 -18.53
N PRO A 72 -14.43 -12.31 -19.67
CA PRO A 72 -14.35 -11.67 -20.99
C PRO A 72 -15.32 -10.52 -21.28
N GLU A 73 -16.45 -10.42 -20.58
CA GLU A 73 -17.30 -9.19 -20.68
C GLU A 73 -16.63 -7.92 -20.13
N ILE A 74 -15.58 -8.09 -19.32
CA ILE A 74 -14.87 -6.95 -18.77
C ILE A 74 -14.06 -6.28 -19.89
N ASN A 75 -14.41 -5.04 -20.19
CA ASN A 75 -13.67 -4.31 -21.19
C ASN A 75 -12.46 -3.64 -20.54
N PRO A 76 -11.34 -3.58 -21.25
CA PRO A 76 -10.11 -2.99 -20.75
C PRO A 76 -10.18 -1.52 -20.40
N GLU A 77 -11.06 -0.73 -21.03
CA GLU A 77 -11.07 0.71 -20.81
C GLU A 77 -11.56 0.98 -19.39
N GLY A 78 -12.66 0.33 -19.02
CA GLY A 78 -13.26 0.52 -17.72
C GLY A 78 -12.37 -0.04 -16.64
N PHE A 79 -11.65 -1.12 -16.95
CA PHE A 79 -10.70 -1.66 -15.98
C PHE A 79 -9.54 -0.71 -15.69
N ASN A 80 -8.97 -0.13 -16.74
CA ASN A 80 -7.84 0.78 -16.62
C ASN A 80 -8.18 1.98 -15.78
N ILE A 81 -9.38 2.51 -15.98
CA ILE A 81 -9.93 3.57 -15.16
C ILE A 81 -10.04 3.15 -13.70
N LEU A 82 -10.50 1.93 -13.45
CA LEU A 82 -10.64 1.48 -12.07
C LEU A 82 -9.28 1.17 -11.46
N LEU A 83 -8.33 0.73 -12.27
CA LEU A 83 -6.97 0.47 -11.78
C LEU A 83 -6.35 1.79 -11.36
N ASP A 84 -6.47 2.82 -12.19
CA ASP A 84 -6.04 4.19 -11.86
C ASP A 84 -6.66 4.72 -10.58
N PHE A 85 -7.97 4.56 -10.43
CA PHE A 85 -8.62 4.87 -9.17
C PHE A 85 -8.04 4.13 -7.94
N MET A 86 -7.84 2.85 -8.03
CA MET A 86 -7.24 2.11 -6.91
C MET A 86 -6.03 2.82 -6.42
N TYR A 87 -5.22 3.24 -7.39
CA TYR A 87 -3.93 3.79 -7.11
C TYR A 87 -3.93 5.33 -6.87
N THR A 88 -4.95 6.06 -7.34
CA THR A 88 -4.94 7.53 -7.21
C THR A 88 -6.08 8.12 -6.42
N SER A 89 -7.08 7.33 -6.03
CA SER A 89 -8.31 7.86 -5.42
C SER A 89 -9.05 8.85 -6.35
N ARG A 90 -8.81 8.76 -7.65
CA ARG A 90 -9.42 9.65 -8.62
C ARG A 90 -10.07 8.84 -9.73
N LEU A 91 -11.25 9.30 -10.12
CA LEU A 91 -12.13 8.51 -10.94
C LEU A 91 -12.53 9.34 -12.15
N ASN A 92 -12.01 8.95 -13.32
CA ASN A 92 -12.24 9.70 -14.53
C ASN A 92 -13.62 9.42 -15.15
N LEU A 93 -14.70 10.03 -14.61
CA LEU A 93 -16.05 9.65 -15.05
C LEU A 93 -16.60 10.58 -16.08
N ARG A 94 -16.94 10.02 -17.24
CA ARG A 94 -17.52 10.75 -18.34
C ARG A 94 -18.72 9.96 -18.90
N GLU A 95 -19.61 10.67 -19.57
CA GLU A 95 -20.83 10.05 -20.09
C GLU A 95 -20.45 8.91 -21.04
N GLY A 96 -19.41 9.13 -21.82
CA GLY A 96 -18.86 8.09 -22.69
C GLY A 96 -18.44 6.78 -22.03
N ASN A 97 -18.02 6.83 -20.76
CA ASN A 97 -17.54 5.61 -20.05
C ASN A 97 -18.37 5.21 -18.83
N ILE A 98 -19.37 5.98 -18.49
CA ILE A 98 -20.06 5.74 -17.24
C ILE A 98 -20.48 4.27 -17.06
N MET A 99 -21.00 3.69 -18.14
CA MET A 99 -21.58 2.35 -18.10
C MET A 99 -20.59 1.23 -17.96
N ALA A 100 -19.52 1.28 -18.75
CA ALA A 100 -18.41 0.35 -18.61
C ALA A 100 -17.74 0.42 -17.23
N VAL A 101 -17.67 1.60 -16.64
CA VAL A 101 -17.08 1.72 -15.30
C VAL A 101 -17.91 1.07 -14.20
N MET A 102 -19.23 1.27 -14.22
CA MET A 102 -20.10 0.67 -13.22
C MET A 102 -20.12 -0.84 -13.31
N ALA A 103 -20.34 -1.36 -14.49
CA ALA A 103 -20.27 -2.80 -14.68
C ALA A 103 -18.94 -3.38 -14.20
N THR A 104 -17.80 -2.82 -14.62
CA THR A 104 -16.50 -3.27 -14.11
C THR A 104 -16.38 -3.17 -12.56
N ALA A 105 -16.92 -2.09 -11.97
CA ALA A 105 -16.92 -1.90 -10.53
C ALA A 105 -17.79 -2.92 -9.80
N MET A 106 -19.04 -3.07 -10.22
CA MET A 106 -19.89 -4.17 -9.73
C MET A 106 -19.09 -5.48 -9.82
N TYR A 107 -18.53 -5.80 -10.97
CA TYR A 107 -17.76 -7.03 -11.14
C TYR A 107 -16.56 -7.14 -10.17
N LEU A 108 -15.80 -6.07 -9.97
CA LEU A 108 -14.69 -6.08 -8.99
C LEU A 108 -15.11 -5.95 -7.50
N GLN A 109 -16.39 -5.67 -7.28
CA GLN A 109 -16.95 -5.47 -5.95
C GLN A 109 -16.27 -4.31 -5.25
N MET A 110 -16.41 -3.18 -5.91
CA MET A 110 -16.00 -1.90 -5.43
C MET A 110 -17.28 -1.13 -5.35
N GLU A 111 -18.03 -1.36 -4.28
CA GLU A 111 -19.38 -0.84 -4.20
C GLU A 111 -19.47 0.67 -3.94
N HIS A 112 -18.46 1.28 -3.34
CA HIS A 112 -18.46 2.73 -3.23
C HIS A 112 -18.20 3.40 -4.56
N VAL A 113 -17.37 2.81 -5.39
CA VAL A 113 -17.29 3.27 -6.78
C VAL A 113 -18.62 3.11 -7.54
N VAL A 114 -19.33 2.01 -7.31
CA VAL A 114 -20.64 1.83 -7.91
C VAL A 114 -21.53 2.97 -7.53
N ASP A 115 -21.56 3.32 -6.26
CA ASP A 115 -22.57 4.24 -5.83
C ASP A 115 -22.27 5.66 -6.24
N THR A 116 -21.00 6.01 -6.40
CA THR A 116 -20.67 7.31 -7.00
C THR A 116 -20.98 7.33 -8.52
N CYS A 117 -20.81 6.21 -9.22
CA CYS A 117 -21.30 6.10 -10.61
C CYS A 117 -22.80 6.34 -10.68
N ARG A 118 -23.55 5.74 -9.76
CA ARG A 118 -24.99 5.98 -9.71
C ARG A 118 -25.29 7.42 -9.41
N LYS A 119 -24.53 8.04 -8.52
CA LYS A 119 -24.71 9.47 -8.27
C LYS A 119 -24.38 10.34 -9.48
N PHE A 120 -23.32 9.99 -10.22
CA PHE A 120 -22.99 10.64 -11.50
C PHE A 120 -24.15 10.58 -12.49
N ILE A 121 -24.57 9.36 -12.82
CA ILE A 121 -25.77 9.14 -13.61
C ILE A 121 -26.83 9.89 -12.83
N LYS A 122 -27.52 10.82 -13.46
CA LYS A 122 -28.23 11.93 -12.75
C LYS A 122 -27.41 13.25 -12.86
N ALA A 123 -27.21 13.66 -14.12
CA ALA A 123 -26.79 15.00 -14.51
C ALA A 123 -27.52 16.06 -13.70
N SER B 3 -13.49 13.97 -12.40
CA SER B 3 -12.07 13.54 -12.17
C SER B 3 -11.31 14.50 -11.25
N GLN B 4 -11.78 15.75 -11.18
CA GLN B 4 -11.16 16.79 -10.34
C GLN B 4 -11.27 16.40 -8.86
N ILE B 5 -12.30 15.61 -8.53
CA ILE B 5 -12.57 15.25 -7.14
C ILE B 5 -11.74 14.04 -6.75
N GLN B 6 -11.06 14.13 -5.61
CA GLN B 6 -10.39 12.94 -5.09
C GLN B 6 -11.06 12.49 -3.81
N PHE B 7 -11.21 11.19 -3.69
CA PHE B 7 -11.80 10.57 -2.52
C PHE B 7 -10.69 10.27 -1.51
N THR B 8 -10.31 11.24 -0.69
CA THR B 8 -9.15 11.11 0.24
C THR B 8 -9.23 9.96 1.25
N ARG B 9 -10.42 9.49 1.56
CA ARG B 9 -10.55 8.42 2.54
C ARG B 9 -10.09 7.10 1.95
N HIS B 10 -10.21 6.98 0.62
CA HIS B 10 -9.73 5.81 -0.11
C HIS B 10 -8.30 5.43 0.24
N ALA B 11 -7.40 6.40 0.34
CA ALA B 11 -6.02 6.09 0.68
C ALA B 11 -5.99 5.47 2.07
N SER B 12 -6.80 6.01 2.96
CA SER B 12 -6.97 5.43 4.29
C SER B 12 -7.58 4.03 4.30
N ASP B 13 -8.58 3.77 3.48
CA ASP B 13 -9.10 2.39 3.35
C ASP B 13 -8.00 1.46 2.89
N VAL B 14 -7.23 1.92 1.92
CA VAL B 14 -6.19 1.12 1.33
C VAL B 14 -5.17 0.76 2.42
N LEU B 15 -4.68 1.76 3.16
CA LEU B 15 -3.72 1.50 4.21
C LEU B 15 -4.28 0.59 5.34
N LEU B 16 -5.51 0.82 5.73
CA LEU B 16 -6.20 -0.03 6.67
C LEU B 16 -6.20 -1.51 6.26
N ASN B 17 -6.49 -1.75 4.97
CA ASN B 17 -6.50 -3.12 4.43
C ASN B 17 -5.10 -3.69 4.28
N LEU B 18 -4.11 -2.88 3.94
CA LEU B 18 -2.74 -3.39 3.89
C LEU B 18 -2.37 -3.85 5.28
N ASN B 19 -2.73 -3.08 6.30
CA ASN B 19 -2.42 -3.48 7.67
C ASN B 19 -3.06 -4.81 8.10
N ARG B 20 -4.31 -5.00 7.68
CA ARG B 20 -5.00 -6.28 7.77
C ARG B 20 -4.29 -7.45 7.13
N LEU B 21 -3.79 -7.25 5.91
CA LEU B 21 -3.05 -8.29 5.24
C LEU B 21 -1.82 -8.63 6.06
N ARG B 22 -1.17 -7.62 6.62
CA ARG B 22 0.02 -7.85 7.38
C ARG B 22 -0.23 -8.68 8.63
N SER B 23 -1.24 -8.31 9.40
CA SER B 23 -1.55 -9.07 10.61
C SER B 23 -1.99 -10.50 10.27
N ARG B 24 -2.67 -10.70 9.13
CA ARG B 24 -3.01 -12.06 8.69
C ARG B 24 -1.87 -12.71 7.97
N ASP B 25 -0.76 -12.00 7.80
CA ASP B 25 0.38 -12.56 7.09
C ASP B 25 0.02 -13.01 5.64
N ILE B 26 -0.87 -12.26 5.01
CA ILE B 26 -1.20 -12.52 3.61
C ILE B 26 -0.30 -11.68 2.70
N LEU B 27 0.47 -12.36 1.88
CA LEU B 27 1.32 -11.76 0.84
C LEU B 27 2.50 -11.00 1.37
N THR B 28 2.74 -11.10 2.68
CA THR B 28 3.96 -10.61 3.23
C THR B 28 5.08 -11.37 2.53
N ASP B 29 6.09 -10.65 2.08
CA ASP B 29 7.11 -11.29 1.25
C ASP B 29 8.51 -11.02 1.73
N VAL B 30 8.64 -10.33 2.86
CA VAL B 30 9.94 -10.10 3.46
C VAL B 30 9.86 -10.18 4.97
N VAL B 31 10.94 -10.75 5.54
CA VAL B 31 11.20 -10.71 6.95
C VAL B 31 12.32 -9.70 7.21
N ILE B 32 12.00 -8.65 7.96
CA ILE B 32 13.04 -7.70 8.39
C ILE B 32 13.60 -8.15 9.74
N VAL B 33 14.92 -8.24 9.81
CA VAL B 33 15.61 -8.74 10.99
C VAL B 33 16.34 -7.63 11.71
N VAL B 34 15.92 -7.38 12.95
CA VAL B 34 16.40 -6.24 13.75
C VAL B 34 16.90 -6.79 15.07
N SER B 35 18.22 -6.74 15.24
CA SER B 35 18.94 -7.50 16.25
C SER B 35 18.56 -8.94 16.04
N ARG B 36 17.96 -9.59 17.00
CA ARG B 36 17.54 -10.97 16.76
C ARG B 36 15.99 -11.08 16.78
N GLU B 37 15.33 -10.18 16.03
CA GLU B 37 13.85 -10.10 16.02
C GLU B 37 13.37 -10.02 14.59
N GLN B 38 12.35 -10.79 14.26
CA GLN B 38 11.84 -10.84 12.90
C GLN B 38 10.53 -10.12 12.75
N PHE B 39 10.43 -9.26 11.73
CA PHE B 39 9.22 -8.49 11.46
C PHE B 39 8.79 -8.74 10.04
N ARG B 40 7.63 -9.35 9.87
CA ARG B 40 7.09 -9.67 8.56
C ARG B 40 6.41 -8.45 7.96
N ALA B 41 6.48 -8.30 6.64
CA ALA B 41 6.06 -7.07 5.97
C ALA B 41 5.96 -7.26 4.50
N HIS B 42 5.45 -6.26 3.80
CA HIS B 42 5.45 -6.25 2.32
C HIS B 42 6.48 -5.28 1.82
N LYS B 43 7.29 -5.71 0.89
CA LYS B 43 8.37 -4.86 0.35
C LYS B 43 7.81 -3.56 -0.24
N THR B 44 6.68 -3.62 -0.93
CA THR B 44 6.10 -2.41 -1.54
C THR B 44 5.84 -1.35 -0.50
N VAL B 45 5.34 -1.77 0.67
CA VAL B 45 4.98 -0.83 1.71
C VAL B 45 6.16 -0.23 2.42
N LEU B 46 7.18 -1.06 2.65
CA LEU B 46 8.44 -0.58 3.24
C LEU B 46 9.05 0.45 2.33
N MET B 47 9.13 0.11 1.03
CA MET B 47 9.72 0.97 -0.01
C MET B 47 8.99 2.29 -0.20
N ALA B 48 7.66 2.25 -0.06
CA ALA B 48 6.87 3.45 -0.21
C ALA B 48 6.97 4.37 1.02
N CYS B 49 7.63 3.93 2.09
CA CYS B 49 7.62 4.62 3.39
C CYS B 49 9.01 5.08 3.85
N SER B 50 10.05 4.39 3.36
CA SER B 50 11.41 4.64 3.73
C SER B 50 12.31 4.73 2.49
N GLY B 51 13.02 5.85 2.35
CA GLY B 51 14.17 5.93 1.44
C GLY B 51 15.15 4.77 1.55
N LEU B 52 15.45 4.31 2.76
CA LEU B 52 16.38 3.17 2.91
C LEU B 52 15.80 1.92 2.24
N PHE B 53 14.54 1.61 2.54
CA PHE B 53 13.91 0.44 1.93
C PHE B 53 13.76 0.59 0.44
N TYR B 54 13.41 1.79 -0.02
CA TYR B 54 13.40 2.02 -1.45
C TYR B 54 14.76 1.65 -2.09
N SER B 55 15.88 2.05 -1.50
CA SER B 55 17.22 1.69 -2.01
C SER B 55 17.55 0.20 -1.92
N ILE B 56 17.13 -0.47 -0.87
CA ILE B 56 17.41 -1.90 -0.71
C ILE B 56 16.65 -2.80 -1.72
N PHE B 57 15.37 -2.52 -1.89
CA PHE B 57 14.52 -3.34 -2.74
C PHE B 57 14.65 -3.00 -4.21
N THR B 58 15.42 -1.97 -4.49
CA THR B 58 15.67 -1.49 -5.82
C THR B 58 17.08 -1.91 -6.27
N ASP B 59 17.91 -2.44 -5.35
CA ASP B 59 19.22 -3.03 -5.66
C ASP B 59 18.97 -4.48 -5.98
N GLN B 60 19.39 -4.92 -7.17
CA GLN B 60 19.08 -6.24 -7.62
C GLN B 60 19.69 -7.38 -6.80
N LEU B 61 20.81 -7.14 -6.15
CA LEU B 61 21.44 -8.18 -5.31
C LEU B 61 20.62 -8.44 -4.04
N LYS B 62 19.87 -7.43 -3.60
CA LYS B 62 19.06 -7.50 -2.38
C LYS B 62 17.57 -7.68 -2.64
N ARG B 63 17.10 -7.19 -3.80
CA ARG B 63 15.68 -7.20 -4.20
C ARG B 63 14.95 -8.54 -4.04
N ASN B 64 15.67 -9.64 -4.14
CA ASN B 64 15.05 -10.97 -4.25
C ASN B 64 15.38 -11.90 -3.11
N LEU B 65 15.52 -11.33 -1.92
CA LEU B 65 15.70 -12.12 -0.71
C LEU B 65 14.55 -11.91 0.27
N SER B 66 14.05 -13.04 0.81
CA SER B 66 12.92 -13.02 1.74
C SER B 66 13.32 -12.52 3.15
N VAL B 67 14.63 -12.43 3.43
CA VAL B 67 15.15 -11.90 4.70
C VAL B 67 16.07 -10.74 4.39
N ILE B 68 15.88 -9.63 5.12
CA ILE B 68 16.77 -8.45 5.06
C ILE B 68 17.18 -8.05 6.47
N ASN B 69 18.50 -7.97 6.69
CA ASN B 69 19.01 -7.58 7.99
C ASN B 69 19.29 -6.11 8.01
N LEU B 70 18.73 -5.43 9.01
CA LEU B 70 19.07 -4.04 9.32
C LEU B 70 20.37 -3.98 10.09
N ASP B 71 21.09 -2.87 9.93
CA ASP B 71 22.31 -2.54 10.67
C ASP B 71 22.18 -2.88 12.17
N PRO B 72 23.16 -3.62 12.75
CA PRO B 72 23.16 -4.16 14.13
C PRO B 72 22.81 -3.19 15.29
N GLU B 73 23.10 -1.90 15.09
CA GLU B 73 22.84 -0.90 16.12
C GLU B 73 21.34 -0.66 16.35
N ILE B 74 20.58 -0.83 15.28
CA ILE B 74 19.14 -0.53 15.28
C ILE B 74 18.42 -1.38 16.33
N ASN B 75 17.59 -0.72 17.13
CA ASN B 75 16.91 -1.38 18.23
C ASN B 75 15.51 -1.87 17.77
N PRO B 76 15.14 -3.11 18.19
CA PRO B 76 13.85 -3.72 17.84
C PRO B 76 12.57 -2.95 18.27
N GLU B 77 12.56 -2.34 19.46
CA GLU B 77 11.37 -1.57 19.93
C GLU B 77 11.07 -0.38 19.01
N GLY B 78 12.14 0.30 18.60
CA GLY B 78 12.05 1.42 17.70
C GLY B 78 11.52 0.97 16.35
N PHE B 79 12.04 -0.15 15.85
CA PHE B 79 11.59 -0.61 14.55
C PHE B 79 10.14 -1.00 14.61
N ASN B 80 9.74 -1.77 15.59
CA ASN B 80 8.32 -2.09 15.69
C ASN B 80 7.33 -0.88 15.66
N ILE B 81 7.74 0.25 16.24
CA ILE B 81 6.87 1.43 16.25
C ILE B 81 6.81 2.06 14.89
N LEU B 82 7.94 2.06 14.19
CA LEU B 82 7.98 2.61 12.85
C LEU B 82 7.17 1.74 11.89
N LEU B 83 7.32 0.43 12.00
CA LEU B 83 6.51 -0.48 11.18
C LEU B 83 4.99 -0.25 11.37
N ASP B 84 4.56 -0.07 12.62
CA ASP B 84 3.14 0.16 12.91
C ASP B 84 2.69 1.44 12.30
N PHE B 85 3.52 2.47 12.45
CA PHE B 85 3.32 3.76 11.80
C PHE B 85 3.18 3.65 10.25
N MET B 86 4.10 2.95 9.60
CA MET B 86 3.98 2.75 8.13
C MET B 86 2.61 2.20 7.74
N TYR B 87 2.06 1.30 8.56
CA TYR B 87 0.84 0.63 8.19
C TYR B 87 -0.43 1.23 8.78
N THR B 88 -0.31 2.15 9.73
CA THR B 88 -1.49 2.75 10.33
C THR B 88 -1.57 4.28 10.31
N SER B 89 -0.43 4.95 10.06
CA SER B 89 -0.28 6.39 10.13
C SER B 89 -0.18 6.91 11.57
N ARG B 90 -0.12 6.03 12.56
CA ARG B 90 -0.07 6.45 13.95
C ARG B 90 1.27 6.09 14.54
N LEU B 91 1.91 7.11 15.08
CA LEU B 91 3.19 6.94 15.68
C LEU B 91 3.03 7.04 17.19
N ASN B 92 3.28 5.93 17.87
CA ASN B 92 3.08 5.85 19.32
C ASN B 92 4.33 6.08 20.10
N LEU B 93 4.50 7.29 20.61
CA LEU B 93 5.71 7.68 21.33
C LEU B 93 5.55 7.61 22.84
N ARG B 94 6.58 7.09 23.49
CA ARG B 94 6.65 6.94 24.93
C ARG B 94 8.03 7.40 25.33
N GLU B 95 8.16 7.90 26.55
CA GLU B 95 9.47 8.25 27.10
C GLU B 95 10.40 7.02 27.12
N GLY B 96 9.85 5.82 27.29
CA GLY B 96 10.63 4.59 27.23
C GLY B 96 11.16 4.18 25.84
N ASN B 97 10.58 4.70 24.75
CA ASN B 97 10.93 4.25 23.39
C ASN B 97 11.51 5.31 22.42
N ILE B 98 11.59 6.55 22.88
CA ILE B 98 11.70 7.68 21.96
C ILE B 98 13.06 7.80 21.27
N MET B 99 14.13 7.52 22.00
CA MET B 99 15.48 7.69 21.49
C MET B 99 15.72 6.66 20.41
N ALA B 100 15.23 5.45 20.64
CA ALA B 100 15.39 4.39 19.68
C ALA B 100 14.50 4.61 18.44
N VAL B 101 13.31 5.19 18.61
CA VAL B 101 12.43 5.51 17.49
C VAL B 101 13.07 6.55 16.60
N MET B 102 13.53 7.65 17.18
CA MET B 102 14.32 8.67 16.49
C MET B 102 15.48 8.08 15.72
N ALA B 103 16.27 7.25 16.41
CA ALA B 103 17.50 6.72 15.82
C ALA B 103 17.16 5.79 14.65
N THR B 104 16.09 5.00 14.84
CA THR B 104 15.60 4.08 13.82
C THR B 104 14.99 4.82 12.62
N ALA B 105 14.27 5.92 12.88
CA ALA B 105 13.68 6.73 11.81
C ALA B 105 14.74 7.47 10.99
N MET B 106 15.75 7.98 11.67
CA MET B 106 16.92 8.57 11.00
C MET B 106 17.57 7.54 10.06
N TYR B 107 17.83 6.36 10.60
CA TYR B 107 18.38 5.29 9.79
C TYR B 107 17.56 4.99 8.54
N LEU B 108 16.25 4.87 8.70
CA LEU B 108 15.31 4.59 7.63
C LEU B 108 15.03 5.77 6.74
N GLN B 109 15.66 6.90 7.02
CA GLN B 109 15.55 8.09 6.21
C GLN B 109 14.11 8.48 6.23
N MET B 110 13.54 8.58 7.43
CA MET B 110 12.13 8.98 7.57
C MET B 110 12.07 10.26 8.34
N GLU B 111 12.32 11.34 7.64
CA GLU B 111 12.76 12.59 8.24
C GLU B 111 11.64 13.38 8.93
N HIS B 112 10.40 13.18 8.51
CA HIS B 112 9.27 13.89 9.14
C HIS B 112 8.94 13.25 10.49
N VAL B 113 9.16 11.96 10.59
CA VAL B 113 9.07 11.24 11.87
C VAL B 113 10.19 11.64 12.83
N VAL B 114 11.41 11.82 12.31
CA VAL B 114 12.51 12.38 13.08
C VAL B 114 12.12 13.75 13.69
N ASP B 115 11.57 14.64 12.85
CA ASP B 115 11.18 15.98 13.26
C ASP B 115 10.08 15.93 14.33
N THR B 116 9.20 14.94 14.28
CA THR B 116 8.15 14.86 15.28
C THR B 116 8.69 14.26 16.59
N CYS B 117 9.69 13.41 16.52
CA CYS B 117 10.33 12.91 17.75
C CYS B 117 11.03 14.02 18.59
N ARG B 118 11.68 14.93 17.87
CA ARG B 118 12.41 16.04 18.49
C ARG B 118 11.46 16.95 19.25
N LYS B 119 10.31 17.23 18.65
CA LYS B 119 9.25 18.02 19.31
C LYS B 119 8.69 17.33 20.56
N PHE B 120 8.53 16.01 20.53
CA PHE B 120 8.07 15.27 21.72
C PHE B 120 9.13 15.33 22.82
N ILE B 121 10.42 15.16 22.47
CA ILE B 121 11.46 15.24 23.53
C ILE B 121 11.44 16.63 24.15
N LYS B 122 11.32 17.67 23.32
CA LYS B 122 11.16 19.04 23.82
C LYS B 122 9.90 19.27 24.68
N ALA B 123 8.81 18.57 24.38
CA ALA B 123 7.61 18.62 25.21
C ALA B 123 7.79 17.80 26.50
N SER B 124 8.48 16.67 26.41
CA SER B 124 8.74 15.82 27.56
C SER B 124 9.65 16.52 28.58
C1 RBT C . 11.94 6.80 -6.99
C2 RBT C . 13.34 7.30 -7.03
C3 RBT C . 14.00 7.69 -5.74
C4 RBT C . 13.30 7.51 -4.46
C5 RBT C . 11.24 6.84 -3.15
C6 RBT C . 9.87 6.34 -3.18
C7 RBT C . 9.17 5.99 -4.41
C8 RBT C . 9.89 6.15 -5.68
C9 RBT C . 11.28 6.67 -5.67
C10 RBT C . 12.00 7.03 -4.40
C11 RBT C . 11.53 7.11 -1.74
C12 RBT C . 10.26 6.93 -0.98
C13 RBT C . 10.48 6.06 0.24
C14 RBT C . 7.78 5.45 -4.40
C15 RBT C . 14.63 8.40 -8.69
C16 RBT C . 14.65 8.72 -10.12
C17 RBT C . 14.35 9.94 -10.65
C18 RBT C . 13.94 11.11 -9.86
C19 RBT C . 13.65 12.25 -10.51
C20 RBT C . 13.24 13.53 -9.80
C21 RBT C . 12.22 13.26 -8.70
C22 RBT C . 11.81 14.47 -7.87
C23 RBT C . 10.86 14.04 -6.76
C24 RBT C . 11.50 13.00 -5.83
C25 RBT C . 10.65 12.77 -4.57
C26 RBT C . 10.59 11.28 -4.18
C27 RBT C . 9.55 11.11 -3.06
C28 RBT C . 10.02 10.01 -2.11
C29 RBT C . 9.18 9.23 -1.43
C30 RBT C . 15.04 7.61 -11.07
C31 RBT C . 14.50 14.19 -9.24
C32 RBT C . 11.17 15.57 -8.71
C33 RBT C . 12.95 13.34 -5.42
C34 RBT C . 10.31 10.32 -5.33
C35 RBT C . 10.43 14.64 -2.94
C36 RBT C . 9.51 14.45 -1.75
C37 RBT C . 7.18 11.61 -3.09
C38 RBT C . 15.47 8.35 -3.93
C39 RBT C . 16.06 7.18 -3.13
C40 RBT C . 15.25 9.70 -3.21
C41 RBT C . 16.99 7.63 -1.99
C42 RBT C . 16.16 9.87 -1.99
C43 RBT C . 18.23 9.37 -3.24
C44 RBT C . 19.76 9.28 -3.04
C45 RBT C . 20.46 9.01 -4.38
C46 RBT C . 20.24 8.23 -2.02
N1 RBT C . 13.76 7.46 -8.31
N2 RBT C . 15.18 8.16 -5.36
N3 RBT C . 14.12 7.90 -3.45
N4 RBT C . 17.39 9.05 -2.04
O1 RBT C . 11.37 6.48 -8.05
O2 RBT C . 9.32 5.82 -6.87
O3 RBT C . 9.40 6.29 -1.92
O4 RBT C . 12.58 7.49 -1.28
O5 RBT C . 9.68 8.18 -0.54
O6 RBT C . 8.27 10.88 -3.68
O7 RBT C . 11.21 13.51 -3.47
O8 RBT C . 10.55 15.73 -3.45
O9 RBT C . 9.69 13.49 -7.39
O10 RBT C . 11.05 12.71 -9.30
O11 RBT C . 15.38 9.01 -7.94
#